data_4X1Q
#
_entry.id   4X1Q
#
_cell.length_a   122.105
_cell.length_b   122.105
_cell.length_c   42.546
_cell.angle_alpha   90.00
_cell.angle_beta   90.00
_cell.angle_gamma   120.00
#
_symmetry.space_group_name_H-M   'H 3'
#
loop_
_entity.id
_entity.type
_entity.pdbx_description
1 polymer mupain-1
2 polymer 'Urokinase-type plasminogen activator'
3 water water
#
loop_
_entity_poly.entity_id
_entity_poly.type
_entity_poly.pdbx_seq_one_letter_code
_entity_poly.pdbx_strand_id
1 'polypeptide(L)' CPAYSRYLDC P
2 'polypeptide(L)'
;IIGGEFTTIENQPWFAAIYRRHRGGSVTYVCGGSLISPCWVISATHCFIDYPKKEDYIVYLGRSRLNSNTQGEMKFEVEN
LILHKDYSADTLAYHNDIALLKIRSKEGRCAQPSRTIQTIALPSMYNDPQFGTSCEITGFGKEQSTDYLYPEQLKMTVVK
LISHRECQQPHYYGSEVTTKMLCAADPQWKTDSCQGDSGGPLVCSLQGRMTLTGIVSWGRGCALKDKPGVYTRVSHFLPW
IRSHTKE
;
U
#
# COMPACT_ATOMS: atom_id res chain seq x y z
N CYS A 1 -18.91 -2.04 -0.87
CA CYS A 1 -17.52 -2.23 -1.39
C CYS A 1 -17.49 -2.47 -2.90
N PRO A 2 -16.47 -1.91 -3.59
CA PRO A 2 -16.22 -2.34 -4.97
C PRO A 2 -15.88 -3.84 -5.00
N ALA A 3 -16.28 -4.55 -6.06
CA ALA A 3 -16.18 -6.02 -6.10
C ALA A 3 -14.74 -6.54 -6.07
N TYR A 4 -13.79 -5.67 -6.43
CA TYR A 4 -12.39 -6.06 -6.57
C TYR A 4 -11.46 -5.45 -5.50
N SER A 5 -12.04 -4.80 -4.49
CA SER A 5 -11.26 -4.27 -3.35
C SER A 5 -10.36 -5.33 -2.69
N ARG A 6 -9.18 -4.89 -2.23
CA ARG A 6 -8.24 -5.72 -1.45
C ARG A 6 -8.08 -5.11 -0.03
N TYR A 7 -9.09 -4.32 0.32
CA TYR A 7 -9.24 -3.73 1.65
C TYR A 7 -9.74 -4.76 2.65
N LEU A 8 -9.12 -4.78 3.83
CA LEU A 8 -9.42 -5.80 4.84
C LEU A 8 -10.88 -5.79 5.36
N ASP A 9 -11.52 -4.62 5.37
CA ASP A 9 -12.93 -4.48 5.81
C ASP A 9 -13.97 -4.90 4.76
N CYS A 10 -13.52 -5.20 3.54
CA CYS A 10 -14.42 -5.55 2.44
C CYS A 10 -14.73 -7.04 2.38
N ILE B 1 -0.31 -11.14 1.18
CA ILE B 1 0.58 -11.66 0.12
C ILE B 1 0.40 -13.19 -0.18
N ILE B 2 0.02 -13.48 -1.43
CA ILE B 2 -0.02 -14.82 -1.94
C ILE B 2 1.39 -15.20 -2.44
N GLY B 3 1.89 -16.37 -2.08
CA GLY B 3 3.26 -16.76 -2.37
C GLY B 3 4.33 -15.89 -1.68
N GLY B 4 5.50 -15.78 -2.30
CA GLY B 4 6.57 -14.96 -1.79
C GLY B 4 7.02 -15.46 -0.44
N GLU B 5 7.82 -14.67 0.26
CA GLU B 5 8.49 -15.19 1.45
C GLU B 5 8.16 -14.35 2.64
N PHE B 6 8.31 -14.91 3.83
CA PHE B 6 8.37 -14.11 5.05
C PHE B 6 9.63 -13.29 5.05
N THR B 7 9.53 -12.12 5.67
CA THR B 7 10.61 -11.16 5.68
C THR B 7 10.60 -10.43 7.01
N THR B 8 11.48 -9.44 7.17
CA THR B 8 11.41 -8.61 8.37
C THR B 8 11.43 -7.14 7.96
N ILE B 9 11.12 -6.26 8.91
CA ILE B 9 11.05 -4.87 8.62
C ILE B 9 12.38 -4.36 8.01
N GLU B 10 13.50 -4.98 8.35
CA GLU B 10 14.78 -4.52 7.82
C GLU B 10 14.86 -4.57 6.31
N ASN B 11 14.21 -5.53 5.70
CA ASN B 11 14.22 -5.58 4.22
C ASN B 11 13.23 -4.64 3.56
N GLN B 12 12.34 -4.03 4.34
CA GLN B 12 11.29 -3.13 3.79
C GLN B 12 11.11 -1.99 4.78
N PRO B 13 12.20 -1.28 5.14
CA PRO B 13 12.13 -0.39 6.30
C PRO B 13 11.22 0.82 6.19
N TRP B 14 10.65 1.09 5.01
CA TRP B 14 9.65 2.15 4.89
C TRP B 14 8.22 1.70 5.15
N PHE B 15 7.99 0.40 5.33
CA PHE B 15 6.61 -0.07 5.48
C PHE B 15 5.94 0.38 6.79
N ALA B 16 4.76 0.99 6.69
CA ALA B 16 4.03 1.45 7.88
C ALA B 16 2.84 0.50 8.07
N ALA B 17 2.58 0.09 9.31
CA ALA B 17 1.42 -0.72 9.64
C ALA B 17 0.39 0.20 10.30
N ILE B 18 -0.81 0.23 9.73
CA ILE B 18 -1.87 1.17 10.15
C ILE B 18 -3.02 0.44 10.80
N TYR B 19 -3.36 0.88 12.01
CA TYR B 19 -4.40 0.26 12.82
C TYR B 19 -5.53 1.21 13.17
N ARG B 20 -6.69 0.63 13.43
CA ARG B 20 -7.85 1.41 13.91
C ARG B 20 -8.29 1.02 15.34
N ARG B 21 -8.37 2.01 16.22
CA ARG B 21 -8.89 1.78 17.58
C ARG B 21 -10.42 1.78 17.59
N HIS B 22 -10.99 0.78 18.23
CA HIS B 22 -12.43 0.62 18.26
C HIS B 22 -13.01 1.16 19.58
N ARG B 23 -14.32 1.41 19.56
CA ARG B 23 -15.00 2.06 20.68
C ARG B 23 -14.99 1.15 21.93
N GLY B 24 -15.06 -0.17 21.72
CA GLY B 24 -14.89 -1.15 22.81
C GLY B 24 -13.45 -1.45 23.25
N GLY B 25 -12.50 -0.57 22.88
CA GLY B 25 -11.10 -0.67 23.28
C GLY B 25 -10.23 -1.56 22.38
N SER B 26 -10.87 -2.34 21.51
CA SER B 26 -10.14 -3.23 20.61
C SER B 26 -9.50 -2.46 19.44
N VAL B 27 -8.32 -2.92 19.02
CA VAL B 27 -7.49 -2.24 18.01
C VAL B 27 -7.17 -3.25 16.92
N THR B 28 -7.47 -2.92 15.67
CA THR B 28 -7.39 -3.88 14.57
C THR B 28 -6.70 -3.27 13.37
N TYR B 29 -6.02 -4.11 12.62
CA TYR B 29 -5.25 -3.68 11.48
C TYR B 29 -6.14 -3.18 10.40
N VAL B 30 -5.74 -2.09 9.77
CA VAL B 30 -6.51 -1.50 8.70
C VAL B 30 -5.86 -1.79 7.35
N CYS B 31 -4.62 -1.32 7.18
N CYS B 31 -4.63 -1.30 7.15
CA CYS B 31 -3.93 -1.25 5.88
CA CYS B 31 -3.91 -1.50 5.90
C CYS B 31 -2.43 -1.02 5.98
C CYS B 31 -2.44 -1.03 5.97
N GLY B 32 -1.71 -1.17 4.88
CA GLY B 32 -0.30 -0.82 4.88
C GLY B 32 -0.12 0.65 4.47
N GLY B 33 1.13 1.11 4.47
CA GLY B 33 1.50 2.43 3.98
C GLY B 33 3.00 2.49 3.77
N SER B 34 3.51 3.66 3.40
CA SER B 34 4.92 3.83 3.15
C SER B 34 5.40 5.15 3.69
N LEU B 35 6.58 5.10 4.30
CA LEU B 35 7.14 6.26 4.85
C LEU B 35 7.87 7.07 3.75
N ILE B 36 7.29 8.17 3.32
CA ILE B 36 7.99 8.91 2.26
C ILE B 36 8.84 10.12 2.74
N SER B 37 8.71 10.49 4.01
CA SER B 37 9.51 11.56 4.58
C SER B 37 9.30 11.38 6.06
N PRO B 38 10.04 12.11 6.94
CA PRO B 38 9.85 11.74 8.34
C PRO B 38 8.49 11.95 8.92
N CYS B 39 7.73 12.92 8.44
CA CYS B 39 6.43 13.19 9.07
C CYS B 39 5.25 12.65 8.27
N TRP B 40 5.54 11.93 7.18
CA TRP B 40 4.51 11.62 6.20
C TRP B 40 4.50 10.15 5.76
N VAL B 41 3.32 9.55 5.81
CA VAL B 41 3.09 8.19 5.35
C VAL B 41 2.05 8.27 4.31
N ILE B 42 2.31 7.67 3.14
CA ILE B 42 1.33 7.59 2.07
C ILE B 42 0.64 6.21 2.03
N SER B 43 -0.60 6.14 1.61
CA SER B 43 -1.40 4.93 1.62
C SER B 43 -2.56 5.13 0.63
N ALA B 44 -3.64 4.38 0.80
CA ALA B 44 -4.77 4.41 -0.08
C ALA B 44 -6.00 5.04 0.59
N THR B 45 -6.72 5.90 -0.12
CA THR B 45 -7.91 6.55 0.46
C THR B 45 -8.98 5.58 0.89
N HIS B 46 -9.16 4.49 0.16
CA HIS B 46 -10.27 3.60 0.44
C HIS B 46 -10.16 2.95 1.81
N CYS B 47 -8.97 3.02 2.39
CA CYS B 47 -8.70 2.39 3.67
C CYS B 47 -9.44 3.13 4.78
N PHE B 48 -9.65 4.43 4.59
CA PHE B 48 -10.08 5.35 5.64
C PHE B 48 -11.47 6.02 5.37
N ILE B 49 -12.04 5.77 4.20
CA ILE B 49 -13.21 6.49 3.70
C ILE B 49 -14.46 6.20 4.56
N ASP B 50 -14.68 4.94 4.93
CA ASP B 50 -15.73 4.52 5.87
C ASP B 50 -15.63 5.07 7.30
N TYR B 51 -14.43 5.40 7.79
CA TYR B 51 -14.25 5.97 9.13
C TYR B 51 -13.22 7.10 9.11
N PRO B 52 -13.63 8.32 8.67
CA PRO B 52 -12.71 9.44 8.35
C PRO B 52 -12.03 10.20 9.51
N LYS B 53 -12.05 9.65 10.71
CA LYS B 53 -11.66 10.38 11.90
C LYS B 53 -10.20 10.04 12.19
N LYS B 54 -9.32 11.03 12.04
CA LYS B 54 -7.90 10.80 12.28
C LYS B 54 -7.55 10.28 13.70
N GLU B 55 -8.49 10.42 14.63
CA GLU B 55 -8.23 10.04 16.02
C GLU B 55 -8.35 8.55 16.24
N ASP B 56 -8.99 7.85 15.30
CA ASP B 56 -9.15 6.42 15.39
C ASP B 56 -7.92 5.59 15.00
N TYR B 57 -6.91 6.27 14.47
CA TYR B 57 -5.76 5.60 13.83
C TYR B 57 -4.45 5.76 14.52
N ILE B 58 -3.73 4.65 14.52
CA ILE B 58 -2.38 4.54 14.99
C ILE B 58 -1.55 3.96 13.84
N VAL B 59 -0.38 4.54 13.67
CA VAL B 59 0.57 4.08 12.68
C VAL B 59 1.83 3.54 13.38
N TYR B 60 2.27 2.35 13.01
CA TYR B 60 3.56 1.84 13.48
C TYR B 60 4.54 1.76 12.35
N LEU B 61 5.80 2.08 12.68
CA LEU B 61 6.92 1.86 11.80
C LEU B 61 7.83 0.91 12.52
N GLY B 62 8.78 0.34 11.81
CA GLY B 62 9.75 -0.59 12.43
C GLY B 62 9.09 -1.88 12.92
N ARG B 63 7.96 -2.24 12.34
CA ARG B 63 7.14 -3.34 12.88
C ARG B 63 7.10 -4.54 11.91
N SER B 64 7.59 -5.71 12.36
CA SER B 64 7.64 -6.92 11.54
C SER B 64 6.48 -7.92 11.81
N ARG B 65 5.71 -7.68 12.88
CA ARG B 65 4.64 -8.60 13.27
C ARG B 65 3.34 -7.84 13.51
N LEU B 66 2.24 -8.51 13.18
CA LEU B 66 0.92 -7.90 13.10
C LEU B 66 0.24 -7.63 14.44
N ASN B 67 0.35 -8.57 15.38
CA ASN B 67 -0.33 -8.45 16.64
C ASN B 67 0.60 -8.66 17.81
N SER B 68 1.88 -8.39 17.61
CA SER B 68 2.85 -8.50 18.69
C SER B 68 3.98 -7.50 18.40
N ASN B 69 4.74 -7.11 19.43
CA ASN B 69 5.72 -6.03 19.31
C ASN B 69 7.04 -6.51 18.70
N THR B 70 7.70 -5.63 17.96
CA THR B 70 8.98 -5.90 17.35
C THR B 70 9.88 -4.91 18.05
N GLN B 71 11.07 -5.34 18.38
CA GLN B 71 12.01 -4.44 19.01
C GLN B 71 12.44 -3.39 17.99
N GLY B 72 12.22 -2.12 18.31
CA GLY B 72 12.65 -1.06 17.39
C GLY B 72 11.48 -0.34 16.72
N GLU B 73 10.25 -0.87 16.88
CA GLU B 73 9.07 -0.18 16.34
C GLU B 73 8.82 1.15 17.06
N MET B 74 8.11 2.03 16.38
CA MET B 74 7.71 3.29 16.96
C MET B 74 6.25 3.48 16.64
N LYS B 75 5.49 3.85 17.65
CA LYS B 75 4.10 4.15 17.52
C LYS B 75 3.83 5.64 17.23
N PHE B 76 2.90 5.93 16.32
CA PHE B 76 2.52 7.33 16.00
C PHE B 76 1.04 7.58 15.98
N GLU B 77 0.68 8.83 16.27
CA GLU B 77 -0.69 9.30 16.14
C GLU B 77 -0.78 9.97 14.77
N VAL B 78 -1.98 10.16 14.28
CA VAL B 78 -2.16 10.84 13.01
C VAL B 78 -2.60 12.30 13.24
N GLU B 79 -1.77 13.23 12.78
CA GLU B 79 -1.94 14.66 12.96
C GLU B 79 -2.83 15.23 11.86
N ASN B 80 -2.64 14.83 10.61
CA ASN B 80 -3.78 14.86 9.66
C ASN B 80 -3.94 13.75 8.65
N LEU B 81 -5.19 13.46 8.36
CA LEU B 81 -5.57 12.41 7.46
C LEU B 81 -6.15 13.03 6.21
N ILE B 82 -5.29 13.10 5.19
CA ILE B 82 -5.57 13.79 3.94
C ILE B 82 -6.02 12.77 2.90
N LEU B 83 -7.31 12.75 2.59
CA LEU B 83 -7.86 11.89 1.56
C LEU B 83 -8.01 12.63 0.21
N HIS B 84 -7.85 11.93 -0.91
CA HIS B 84 -8.06 12.56 -2.21
C HIS B 84 -9.52 13.06 -2.44
N LYS B 85 -9.65 14.31 -2.87
CA LYS B 85 -10.98 14.91 -3.13
C LYS B 85 -11.72 14.16 -4.23
N ASP B 86 -10.96 13.67 -5.21
CA ASP B 86 -11.51 12.97 -6.35
C ASP B 86 -11.58 11.46 -6.23
N TYR B 87 -11.28 10.93 -5.07
CA TYR B 87 -11.51 9.51 -4.84
C TYR B 87 -12.89 9.11 -5.30
N SER B 88 -13.04 7.90 -5.82
CA SER B 88 -14.36 7.32 -6.07
C SER B 88 -14.26 5.80 -6.23
N ALA B 89 -15.32 5.10 -5.89
CA ALA B 89 -15.30 3.64 -6.01
C ALA B 89 -16.36 3.18 -7.04
N ASP B 90 -15.98 2.29 -7.95
CA ASP B 90 -16.93 1.73 -8.92
C ASP B 90 -17.55 0.47 -8.37
N THR B 91 -18.28 -0.25 -9.22
CA THR B 91 -18.67 -1.60 -8.85
C THR B 91 -17.45 -2.54 -8.86
N LEU B 92 -16.34 -2.09 -9.47
CA LEU B 92 -15.15 -2.91 -9.61
C LEU B 92 -13.90 -2.35 -8.92
N ALA B 93 -13.57 -1.10 -9.23
CA ALA B 93 -12.26 -0.52 -8.98
C ALA B 93 -12.33 0.75 -8.10
N TYR B 94 -11.17 1.31 -7.79
CA TYR B 94 -11.12 2.57 -7.08
C TYR B 94 -10.43 3.58 -7.96
N HIS B 95 -10.83 4.85 -7.90
CA HIS B 95 -10.06 5.89 -8.61
C HIS B 95 -9.43 6.88 -7.68
N ASN B 96 -8.28 7.42 -8.09
CA ASN B 96 -7.57 8.37 -7.24
C ASN B 96 -7.36 7.78 -5.81
N ASP B 97 -6.99 6.51 -5.74
CA ASP B 97 -6.91 5.80 -4.47
C ASP B 97 -5.55 6.04 -3.77
N ILE B 98 -5.42 7.24 -3.22
CA ILE B 98 -4.21 7.71 -2.57
C ILE B 98 -4.60 8.55 -1.35
N ALA B 99 -3.80 8.46 -0.29
CA ALA B 99 -4.04 9.17 0.96
C ALA B 99 -2.74 9.55 1.65
N LEU B 100 -2.75 10.62 2.44
CA LEU B 100 -1.58 11.00 3.21
C LEU B 100 -1.91 11.11 4.68
N LEU B 101 -0.95 10.66 5.49
CA LEU B 101 -1.09 10.70 6.92
C LEU B 101 0.13 11.42 7.38
N LYS B 102 -0.10 12.51 8.09
CA LYS B 102 0.99 13.17 8.77
C LYS B 102 1.09 12.62 10.18
N ILE B 103 2.26 12.10 10.53
CA ILE B 103 2.42 11.40 11.81
C ILE B 103 3.18 12.19 12.89
N ARG B 104 2.75 12.08 14.14
CA ARG B 104 3.62 12.54 15.25
C ARG B 104 3.42 11.64 16.45
N SER B 105 4.51 11.37 17.16
CA SER B 105 4.39 10.61 18.40
C SER B 105 3.74 11.50 19.46
N LYS B 106 3.25 10.89 20.53
CA LYS B 106 2.67 11.64 21.64
C LYS B 106 3.67 12.65 22.19
N GLU B 107 4.95 12.44 21.86
CA GLU B 107 6.04 13.37 22.20
C GLU B 107 6.32 14.43 21.14
N GLY B 108 5.42 14.54 20.16
CA GLY B 108 5.54 15.55 19.11
C GLY B 108 6.69 15.32 18.14
N ARG B 109 7.30 14.13 18.19
CA ARG B 109 8.41 13.78 17.28
C ARG B 109 8.00 12.95 16.06
N CYS B 110 8.68 13.19 14.95
CA CYS B 110 8.51 12.42 13.70
C CYS B 110 9.55 11.30 13.62
N ALA B 111 9.50 10.53 12.53
CA ALA B 111 10.28 9.30 12.44
C ALA B 111 11.79 9.50 12.53
N GLN B 112 12.43 8.78 13.45
CA GLN B 112 13.90 8.69 13.46
C GLN B 112 14.41 7.42 12.72
N PRO B 113 15.04 7.62 11.55
CA PRO B 113 15.66 6.49 10.85
C PRO B 113 16.52 5.59 11.76
N SER B 114 16.56 4.30 11.43
CA SER B 114 16.84 3.21 12.35
C SER B 114 17.38 2.10 11.44
N ARG B 115 17.94 1.07 12.04
CA ARG B 115 18.08 -0.20 11.37
C ARG B 115 16.75 -0.67 10.75
N THR B 116 15.63 -0.24 11.31
CA THR B 116 14.34 -0.78 10.93
C THR B 116 13.37 0.26 10.35
N ILE B 117 13.80 1.54 10.26
CA ILE B 117 12.96 2.59 9.75
C ILE B 117 13.73 3.47 8.82
N GLN B 118 13.29 3.53 7.56
CA GLN B 118 13.92 4.39 6.55
C GLN B 118 12.80 4.92 5.66
N THR B 119 12.98 6.10 5.09
CA THR B 119 12.04 6.68 4.14
C THR B 119 12.28 6.02 2.79
N ILE B 120 11.32 6.13 1.89
CA ILE B 120 11.47 5.60 0.53
C ILE B 120 11.32 6.80 -0.46
N ALA B 121 12.04 6.78 -1.59
CA ALA B 121 11.99 7.91 -2.54
C ALA B 121 10.76 7.84 -3.46
N LEU B 122 10.20 9.01 -3.72
CA LEU B 122 9.16 9.20 -4.74
C LEU B 122 9.78 9.17 -6.12
N PRO B 123 9.03 8.74 -7.16
CA PRO B 123 9.60 8.87 -8.50
C PRO B 123 9.55 10.31 -9.03
N SER B 124 10.26 10.54 -10.13
CA SER B 124 10.13 11.77 -10.92
C SER B 124 8.78 11.74 -11.58
N MET B 125 8.22 12.93 -11.79
CA MET B 125 6.87 13.01 -12.32
C MET B 125 6.75 12.33 -13.69
N TYR B 126 5.67 11.58 -13.81
CA TYR B 126 5.33 10.77 -14.99
C TYR B 126 6.40 9.73 -15.36
N ASN B 127 7.47 9.67 -14.55
CA ASN B 127 8.54 8.69 -14.69
C ASN B 127 8.30 7.30 -14.03
N ASP B 128 8.14 6.28 -14.87
CA ASP B 128 7.88 4.87 -14.50
C ASP B 128 8.86 3.93 -15.18
N PRO B 129 9.10 2.73 -14.59
CA PRO B 129 9.92 1.79 -15.34
C PRO B 129 9.10 1.16 -16.46
N GLN B 130 9.74 0.31 -17.25
CA GLN B 130 9.12 -0.25 -18.40
C GLN B 130 8.41 -1.51 -18.02
N PHE B 131 7.42 -1.87 -18.82
CA PHE B 131 6.71 -3.10 -18.62
C PHE B 131 7.70 -4.27 -18.62
N GLY B 132 7.48 -5.23 -17.71
CA GLY B 132 8.39 -6.36 -17.55
C GLY B 132 9.46 -6.15 -16.47
N THR B 133 9.50 -4.95 -15.88
CA THR B 133 10.38 -4.73 -14.73
C THR B 133 9.85 -5.43 -13.48
N SER B 134 10.74 -6.17 -12.84
CA SER B 134 10.49 -6.78 -11.52
C SER B 134 10.40 -5.75 -10.40
N CYS B 135 9.38 -5.91 -9.58
CA CYS B 135 9.14 -5.00 -8.48
C CYS B 135 8.74 -5.76 -7.21
N GLU B 136 8.82 -5.11 -6.05
CA GLU B 136 8.50 -5.77 -4.82
C GLU B 136 7.29 -5.20 -4.14
N ILE B 137 6.48 -6.10 -3.59
CA ILE B 137 5.34 -5.71 -2.80
C ILE B 137 5.49 -6.34 -1.41
N THR B 138 4.93 -5.67 -0.39
CA THR B 138 5.09 -6.07 1.02
C THR B 138 3.76 -5.89 1.69
N GLY B 139 3.41 -6.80 2.59
CA GLY B 139 2.21 -6.60 3.41
C GLY B 139 1.94 -7.68 4.45
N PHE B 140 0.94 -7.40 5.26
CA PHE B 140 0.34 -8.33 6.20
C PHE B 140 -0.95 -9.01 5.63
N GLY B 141 -1.11 -9.01 4.33
CA GLY B 141 -2.35 -9.51 3.74
C GLY B 141 -2.44 -11.03 3.73
N LYS B 142 -3.63 -11.51 3.42
CA LYS B 142 -3.91 -12.95 3.38
C LYS B 142 -2.92 -13.68 2.56
N GLU B 143 -2.67 -14.90 3.00
CA GLU B 143 -1.77 -15.75 2.30
C GLU B 143 -2.45 -16.60 1.23
N GLN B 144 -3.78 -16.72 1.33
CA GLN B 144 -4.64 -17.34 0.30
C GLN B 144 -5.98 -16.60 0.35
N SER B 145 -6.58 -16.43 -0.81
CA SER B 145 -7.85 -15.73 -0.90
C SER B 145 -8.92 -16.29 0.01
N THR B 146 -8.84 -17.56 0.34
CA THR B 146 -9.86 -18.18 1.16
C THR B 146 -9.62 -18.11 2.67
N ASP B 147 -8.47 -17.59 3.09
CA ASP B 147 -8.13 -17.54 4.54
C ASP B 147 -9.04 -16.60 5.31
N TYR B 148 -9.24 -16.87 6.59
CA TYR B 148 -9.94 -15.94 7.43
C TYR B 148 -8.99 -15.18 8.36
N LEU B 149 -7.78 -15.68 8.52
CA LEU B 149 -6.82 -15.04 9.39
C LEU B 149 -5.69 -14.47 8.59
N TYR B 150 -5.03 -13.45 9.14
CA TYR B 150 -3.91 -12.81 8.46
C TYR B 150 -2.64 -13.36 9.04
N PRO B 151 -1.56 -13.44 8.23
CA PRO B 151 -0.33 -13.91 8.85
C PRO B 151 0.20 -12.92 9.89
N GLU B 152 0.92 -13.46 10.85
CA GLU B 152 1.51 -12.69 11.93
C GLU B 152 2.80 -12.11 11.55
N GLN B 153 3.47 -12.68 10.55
CA GLN B 153 4.76 -12.18 10.12
C GLN B 153 4.61 -11.49 8.74
N LEU B 154 5.32 -10.38 8.62
CA LEU B 154 5.28 -9.58 7.41
C LEU B 154 5.75 -10.39 6.23
N LYS B 155 5.23 -10.10 5.05
CA LYS B 155 5.66 -10.85 3.88
C LYS B 155 5.98 -9.94 2.71
N MET B 156 6.69 -10.49 1.75
CA MET B 156 6.97 -9.75 0.53
C MET B 156 7.08 -10.66 -0.63
N THR B 157 6.83 -10.14 -1.81
CA THR B 157 7.07 -10.92 -3.00
C THR B 157 7.45 -10.01 -4.14
N VAL B 158 7.71 -10.61 -5.32
CA VAL B 158 8.13 -9.90 -6.50
C VAL B 158 7.12 -10.15 -7.65
N VAL B 159 6.82 -9.09 -8.39
CA VAL B 159 5.89 -9.14 -9.49
C VAL B 159 6.46 -8.29 -10.62
N LYS B 160 5.92 -8.49 -11.81
CA LYS B 160 6.39 -7.80 -12.98
C LYS B 160 5.33 -6.82 -13.44
N LEU B 161 5.75 -5.57 -13.68
CA LEU B 161 4.95 -4.56 -14.37
C LEU B 161 4.34 -4.99 -15.74
N ILE B 162 3.07 -4.70 -15.91
CA ILE B 162 2.35 -5.02 -17.15
C ILE B 162 2.00 -3.72 -17.88
N SER B 163 2.07 -3.75 -19.21
CA SER B 163 1.71 -2.58 -20.06
C SER B 163 0.24 -2.23 -19.92
N HIS B 164 -0.09 -0.96 -20.04
CA HIS B 164 -1.49 -0.55 -20.08
C HIS B 164 -2.26 -1.23 -21.21
N ARG B 165 -1.59 -1.36 -22.35
CA ARG B 165 -2.08 -2.12 -23.51
C ARG B 165 -2.49 -3.57 -23.17
N GLU B 166 -1.70 -4.23 -22.35
CA GLU B 166 -1.99 -5.61 -21.98
C GLU B 166 -3.00 -5.61 -20.85
N CYS B 167 -2.94 -4.58 -20.00
CA CYS B 167 -3.82 -4.54 -18.85
C CYS B 167 -5.28 -4.32 -19.27
N GLN B 168 -5.44 -3.61 -20.38
CA GLN B 168 -6.76 -3.28 -20.92
C GLN B 168 -7.43 -4.34 -21.80
N GLN B 169 -6.75 -5.45 -22.12
CA GLN B 169 -7.38 -6.49 -22.94
C GLN B 169 -8.69 -6.87 -22.26
N PRO B 170 -9.67 -7.41 -23.02
CA PRO B 170 -10.99 -7.66 -22.41
C PRO B 170 -11.02 -8.79 -21.42
N HIS B 171 -10.19 -9.81 -21.62
CA HIS B 171 -10.17 -10.91 -20.67
C HIS B 171 -9.31 -10.58 -19.42
N TYR B 172 -8.48 -9.53 -19.51
CA TYR B 172 -7.99 -8.76 -18.35
C TYR B 172 -8.96 -7.60 -18.24
N TYR B 173 -8.75 -6.71 -17.28
CA TYR B 173 -9.65 -5.61 -16.90
C TYR B 173 -10.40 -4.68 -17.87
N GLY B 174 -9.95 -4.53 -19.11
CA GLY B 174 -10.67 -3.72 -20.10
C GLY B 174 -10.53 -2.23 -19.86
N SER B 175 -11.67 -1.53 -19.78
CA SER B 175 -11.70 -0.06 -19.59
C SER B 175 -11.73 0.38 -18.12
N GLU B 176 -11.82 -0.61 -17.22
CA GLU B 176 -11.71 -0.35 -15.80
C GLU B 176 -10.31 0.22 -15.40
N VAL B 177 -9.26 -0.14 -16.14
CA VAL B 177 -7.89 0.31 -15.87
C VAL B 177 -7.55 1.59 -16.62
N THR B 178 -7.20 2.62 -15.89
CA THR B 178 -6.92 3.92 -16.46
C THR B 178 -5.42 4.18 -16.37
N THR B 179 -4.97 5.31 -16.93
CA THR B 179 -3.55 5.65 -16.93
C THR B 179 -3.12 6.24 -15.58
N LYS B 180 -4.04 6.23 -14.62
CA LYS B 180 -3.74 6.68 -13.27
C LYS B 180 -3.42 5.46 -12.37
N MET B 181 -3.28 4.31 -13.03
CA MET B 181 -3.16 3.01 -12.43
C MET B 181 -2.05 2.21 -13.11
N LEU B 182 -1.48 1.26 -12.40
CA LEU B 182 -0.40 0.45 -12.92
C LEU B 182 -0.81 -0.99 -12.61
N CYS B 183 -0.63 -1.91 -13.55
CA CYS B 183 -0.88 -3.33 -13.26
C CYS B 183 0.41 -4.12 -13.06
N ALA B 184 0.36 -5.16 -12.23
CA ALA B 184 1.54 -6.01 -12.00
C ALA B 184 1.11 -7.38 -11.55
N ALA B 185 1.86 -8.38 -12.00
CA ALA B 185 1.51 -9.76 -11.71
C ALA B 185 2.68 -10.64 -11.97
N ASP B 186 2.57 -11.86 -11.48
CA ASP B 186 3.53 -12.90 -11.77
C ASP B 186 3.26 -13.45 -13.19
N PRO B 187 4.32 -13.69 -13.95
CA PRO B 187 4.11 -14.28 -15.29
C PRO B 187 3.44 -15.65 -15.27
N GLN B 188 3.61 -16.42 -14.21
CA GLN B 188 2.88 -17.68 -13.99
C GLN B 188 1.62 -17.53 -13.14
N TRP B 189 1.27 -16.30 -12.75
CA TRP B 189 0.13 -16.04 -11.87
C TRP B 189 0.18 -16.73 -10.48
N LYS B 190 1.37 -16.95 -9.94
CA LYS B 190 1.48 -17.67 -8.65
C LYS B 190 1.62 -16.76 -7.43
N THR B 191 2.01 -15.51 -7.64
CA THR B 191 2.17 -14.59 -6.54
C THR B 191 1.48 -13.26 -6.80
N ASP B 192 1.09 -12.56 -5.73
CA ASP B 192 0.22 -11.38 -5.84
C ASP B 192 -0.04 -10.76 -4.46
N SER B 193 -0.57 -9.55 -4.43
CA SER B 193 -1.09 -9.02 -3.17
C SER B 193 -2.49 -9.58 -2.95
N CYS B 194 -3.07 -9.31 -1.80
CA CYS B 194 -4.39 -9.81 -1.50
C CYS B 194 -5.04 -8.89 -0.46
N GLN B 195 -6.23 -9.27 -0.02
CA GLN B 195 -6.94 -8.52 1.01
C GLN B 195 -6.05 -8.27 2.21
N GLY B 196 -6.05 -7.06 2.71
CA GLY B 196 -5.22 -6.69 3.84
C GLY B 196 -3.84 -6.15 3.42
N ASP B 197 -3.49 -6.25 2.15
CA ASP B 197 -2.25 -5.65 1.63
C ASP B 197 -2.48 -4.25 1.07
N SER B 198 -3.75 -3.83 0.97
CA SER B 198 -4.02 -2.56 0.34
C SER B 198 -3.43 -1.34 1.07
N GLY B 199 -3.08 -0.28 0.34
CA GLY B 199 -2.32 0.83 0.93
C GLY B 199 -0.82 0.63 0.90
N GLY B 200 -0.36 -0.63 0.80
CA GLY B 200 1.04 -1.02 0.85
C GLY B 200 1.88 -0.68 -0.39
N PRO B 201 3.25 -0.68 -0.27
CA PRO B 201 4.10 -0.21 -1.38
C PRO B 201 4.30 -1.20 -2.53
N LEU B 202 4.30 -0.71 -3.78
CA LEU B 202 4.93 -1.41 -4.87
C LEU B 202 6.27 -0.70 -5.16
N VAL B 203 7.40 -1.38 -4.98
CA VAL B 203 8.71 -0.71 -4.96
C VAL B 203 9.54 -1.22 -6.12
N CYS B 204 10.04 -0.31 -6.93
CA CYS B 204 10.81 -0.68 -8.12
C CYS B 204 12.11 0.09 -8.10
N SER B 205 13.10 -0.45 -8.79
CA SER B 205 14.37 0.21 -8.87
C SER B 205 14.30 1.08 -10.11
N LEU B 206 14.31 2.40 -9.93
CA LEU B 206 14.13 3.29 -11.08
C LEU B 206 15.29 4.26 -11.14
N GLN B 207 16.12 4.09 -12.18
CA GLN B 207 17.41 4.80 -12.29
C GLN B 207 18.22 4.70 -10.97
N GLY B 208 18.58 3.45 -10.61
CA GLY B 208 19.46 3.16 -9.47
C GLY B 208 18.80 3.13 -8.09
N ARG B 209 17.81 4.00 -7.92
CA ARG B 209 17.14 4.18 -6.65
C ARG B 209 15.96 3.20 -6.45
N MET B 210 15.82 2.69 -5.21
CA MET B 210 14.60 2.02 -4.76
C MET B 210 13.48 3.07 -4.69
N THR B 211 12.54 3.01 -5.64
CA THR B 211 11.44 3.98 -5.73
C THR B 211 10.04 3.41 -5.45
N LEU B 212 9.24 4.18 -4.73
CA LEU B 212 7.82 3.91 -4.54
C LEU B 212 7.04 4.18 -5.83
N THR B 213 6.76 3.14 -6.58
CA THR B 213 6.12 3.22 -7.89
C THR B 213 4.59 3.07 -7.86
N GLY B 214 4.07 2.31 -6.90
CA GLY B 214 2.65 2.24 -6.77
C GLY B 214 2.19 1.98 -5.35
N ILE B 215 0.86 2.06 -5.16
CA ILE B 215 0.18 1.76 -3.91
C ILE B 215 -0.90 0.68 -4.16
N VAL B 216 -0.87 -0.42 -3.41
CA VAL B 216 -1.79 -1.52 -3.60
C VAL B 216 -3.22 -0.93 -3.50
N SER B 217 -3.99 -1.15 -4.57
CA SER B 217 -5.33 -0.58 -4.70
C SER B 217 -6.45 -1.61 -4.87
N TRP B 218 -6.41 -2.42 -5.92
CA TRP B 218 -7.42 -3.49 -6.12
C TRP B 218 -6.94 -4.52 -7.09
N GLY B 219 -7.75 -5.58 -7.24
CA GLY B 219 -7.52 -6.61 -8.22
C GLY B 219 -8.65 -7.59 -8.03
N ARG B 220 -9.07 -8.35 -9.04
CA ARG B 220 -10.10 -9.37 -8.85
C ARG B 220 -9.45 -10.61 -8.34
N GLY B 221 -9.77 -11.04 -7.13
CA GLY B 221 -9.16 -12.20 -6.50
C GLY B 221 -7.69 -12.00 -6.17
N CYS B 222 -6.97 -13.02 -5.76
CA CYS B 222 -5.53 -12.88 -5.51
C CYS B 222 -4.80 -13.99 -6.29
N ALA B 223 -3.83 -13.61 -7.12
CA ALA B 223 -3.06 -14.57 -7.96
C ALA B 223 -3.95 -15.33 -8.95
N LEU B 224 -4.94 -14.64 -9.50
CA LEU B 224 -5.90 -15.29 -10.39
C LEU B 224 -5.46 -15.02 -11.82
N LYS B 225 -5.44 -16.09 -12.63
CA LYS B 225 -5.13 -16.00 -14.08
C LYS B 225 -5.82 -14.82 -14.75
N ASP B 226 -5.04 -14.03 -15.49
CA ASP B 226 -5.57 -12.94 -16.32
C ASP B 226 -6.10 -11.79 -15.48
N LYS B 227 -5.88 -11.86 -14.17
CA LYS B 227 -6.38 -10.83 -13.28
C LYS B 227 -5.24 -10.16 -12.44
N PRO B 228 -4.52 -9.22 -13.02
CA PRO B 228 -3.38 -8.71 -12.26
C PRO B 228 -3.71 -7.81 -11.02
N GLY B 229 -2.76 -7.65 -10.09
CA GLY B 229 -2.91 -6.62 -9.06
C GLY B 229 -2.99 -5.25 -9.74
N VAL B 230 -3.76 -4.32 -9.20
CA VAL B 230 -3.74 -2.97 -9.74
C VAL B 230 -3.33 -2.00 -8.64
N TYR B 231 -2.58 -0.97 -9.01
CA TYR B 231 -1.92 -0.12 -8.04
C TYR B 231 -2.11 1.33 -8.42
N THR B 232 -2.14 2.24 -7.45
CA THR B 232 -2.16 3.67 -7.78
C THR B 232 -0.79 4.04 -8.31
N ARG B 233 -0.76 4.74 -9.45
CA ARG B 233 0.46 5.12 -10.14
C ARG B 233 1.01 6.36 -9.50
N VAL B 234 1.97 6.18 -8.61
CA VAL B 234 2.42 7.30 -7.80
C VAL B 234 2.92 8.50 -8.60
N SER B 235 3.60 8.22 -9.71
CA SER B 235 4.34 9.23 -10.46
C SER B 235 3.36 10.23 -11.04
N HIS B 236 2.12 9.80 -11.15
CA HIS B 236 1.05 10.68 -11.62
C HIS B 236 0.39 11.53 -10.53
N PHE B 237 0.94 11.55 -9.30
CA PHE B 237 0.29 12.28 -8.17
C PHE B 237 1.24 13.18 -7.41
N LEU B 238 2.42 13.39 -7.95
CA LEU B 238 3.40 14.22 -7.28
C LEU B 238 2.87 15.61 -6.94
N PRO B 239 2.17 16.28 -7.89
CA PRO B 239 1.72 17.61 -7.49
C PRO B 239 0.73 17.55 -6.33
N TRP B 240 -0.26 16.66 -6.41
CA TRP B 240 -1.12 16.39 -5.24
C TRP B 240 -0.29 16.14 -3.98
N ILE B 241 0.80 15.39 -4.12
CA ILE B 241 1.62 15.05 -2.95
C ILE B 241 2.40 16.26 -2.45
N ARG B 242 2.98 17.00 -3.39
CA ARG B 242 3.76 18.19 -3.02
C ARG B 242 2.87 19.28 -2.40
N SER B 243 1.65 19.44 -2.91
CA SER B 243 0.75 20.44 -2.35
C SER B 243 0.64 20.12 -0.88
N HIS B 244 0.07 18.94 -0.60
CA HIS B 244 -0.30 18.56 0.75
C HIS B 244 0.85 18.37 1.72
N THR B 245 2.08 18.19 1.24
CA THR B 245 3.21 17.88 2.14
C THR B 245 4.26 18.99 2.23
N LYS B 246 4.33 19.84 1.20
CA LYS B 246 5.28 20.93 1.25
C LYS B 246 4.95 21.89 2.37
N GLU B 247 3.77 21.68 2.97
CA GLU B 247 3.53 22.04 4.39
C GLU B 247 4.31 21.08 5.33
#